data_9R0Q
#
_entry.id   9R0Q
#
_cell.length_a   98.064
_cell.length_b   98.064
_cell.length_c   138.877
_cell.angle_alpha   90.000
_cell.angle_beta   90.000
_cell.angle_gamma   90.000
#
_symmetry.space_group_name_H-M   'P 43 21 2'
#
loop_
_entity.id
_entity.type
_entity.pdbx_description
1 polymer 'Serum paraoxonase/arylesterase 1'
2 non-polymer 'TERBIUM(III) ION'
3 non-polymer 'CALCIUM ION'
4 non-polymer QUINOLIN-2(1H)-ONE
5 non-polymer 'BROMIDE ION'
6 water water
#
_entity_poly.entity_id   1
_entity_poly.type   'polypeptide(L)'
_entity_poly.pdbx_seq_one_letter_code
;DDDKAMAKLTALTLLGMGLALFDRQKSSFQTRFNVHREVTPVELPNCNLVKGIDNGSEDLEILPNGLAFISSGLKYPGIM
SFDPDKSGKILLMDLNEKEPAVSELEIIGNTLDISSFNPHGISTFIDDDNTVYLLVVNHPGSSSTVEVFKFQEEEKSLLH
LKTIRHKLLPSVNDIVAVGPEHFYATNDHYFIDPYLKSWEMHLGLAWSFVTYYSPNDVRVVAEGFDFANGINISPDGKYV
YIAELLAHKIHVYEKHANWTLTPLRVLSFDTLVDNISVDPVTGDLWVGCHPNGMRIFFYDAENPPGSEVLRIQDILSEEP
KVTVVYAENGTVLQGSTVAAVYKGKLLIGTVFHKALYCDL
;
_entity_poly.pdbx_strand_id   A
#
loop_
_chem_comp.id
_chem_comp.type
_chem_comp.name
_chem_comp.formula
BR non-polymer 'BROMIDE ION' 'Br -1'
CA non-polymer 'CALCIUM ION' 'Ca 2'
OCH non-polymer QUINOLIN-2(1H)-ONE 'C9 H7 N O'
TB non-polymer 'TERBIUM(III) ION' 'Tb 3'
#
# COMPACT_ATOMS: atom_id res chain seq x y z
N ASP A 23 12.21 15.58 26.61
CA ASP A 23 11.13 16.45 26.13
C ASP A 23 11.27 16.74 24.64
N ARG A 24 12.42 16.36 24.08
CA ARG A 24 12.56 16.34 22.63
C ARG A 24 11.75 15.20 22.01
N GLN A 25 11.42 14.17 22.82
CA GLN A 25 10.66 13.02 22.37
C GLN A 25 9.16 13.28 22.31
N LYS A 26 8.68 14.38 22.86
CA LYS A 26 7.28 14.74 22.70
C LYS A 26 7.05 15.76 21.59
N SER A 27 8.02 16.64 21.34
CA SER A 27 7.95 17.45 20.14
C SER A 27 8.04 16.56 18.90
N SER A 28 8.94 15.58 18.90
CA SER A 28 9.14 14.73 17.73
C SER A 28 7.91 13.85 17.47
N PHE A 29 7.41 13.17 18.51
CA PHE A 29 6.19 12.38 18.35
C PHE A 29 5.07 13.21 17.74
N GLN A 30 5.07 14.52 17.96
CA GLN A 30 3.94 15.32 17.52
C GLN A 30 4.11 15.86 16.10
N THR A 31 5.33 16.11 15.63
CA THR A 31 5.48 16.36 14.20
C THR A 31 5.26 15.07 13.41
N ARG A 32 6.00 14.00 13.75
CA ARG A 32 5.85 12.69 13.12
C ARG A 32 4.39 12.31 12.89
N PHE A 33 3.54 12.53 13.88
CA PHE A 33 2.15 12.11 13.82
C PHE A 33 1.18 13.21 13.40
N ASN A 34 1.68 14.40 13.03
CA ASN A 34 0.82 15.48 12.52
C ASN A 34 -0.39 15.69 13.44
N VAL A 35 -0.10 16.01 14.71
CA VAL A 35 -1.10 15.79 15.75
C VAL A 35 -2.27 16.77 15.65
N HIS A 36 -2.05 17.97 15.10
CA HIS A 36 -3.11 18.97 15.02
C HIS A 36 -3.39 19.42 13.58
N ARG A 37 -3.07 18.59 12.59
CA ARG A 37 -3.34 18.96 11.21
C ARG A 37 -4.79 18.62 10.89
N GLU A 38 -5.42 19.47 10.10
CA GLU A 38 -6.75 19.23 9.56
C GLU A 38 -6.67 19.38 8.05
N VAL A 39 -7.46 18.59 7.35
CA VAL A 39 -7.33 18.53 5.90
C VAL A 39 -8.01 19.75 5.30
N THR A 40 -7.38 20.31 4.26
CA THR A 40 -8.04 21.23 3.34
C THR A 40 -8.79 20.44 2.28
N PRO A 41 -10.13 20.40 2.32
CA PRO A 41 -10.86 19.60 1.32
C PRO A 41 -10.51 19.97 -0.12
N VAL A 42 -10.46 18.95 -0.97
CA VAL A 42 -10.33 19.08 -2.41
C VAL A 42 -11.35 18.13 -3.01
N GLU A 43 -12.33 18.68 -3.71
CA GLU A 43 -13.46 17.91 -4.20
C GLU A 43 -13.21 17.45 -5.63
N LEU A 44 -13.83 16.32 -5.96
CA LEU A 44 -13.85 15.77 -7.30
C LEU A 44 -15.30 15.56 -7.71
N PRO A 45 -15.60 15.70 -9.00
CA PRO A 45 -16.98 15.50 -9.46
C PRO A 45 -17.34 14.02 -9.50
N ASN A 46 -18.55 13.72 -9.04
CA ASN A 46 -19.10 12.38 -9.28
C ASN A 46 -18.30 11.26 -8.61
N CYS A 47 -18.07 11.36 -7.30
CA CYS A 47 -17.49 10.28 -6.52
C CYS A 47 -18.55 9.31 -6.04
N ASN A 48 -18.26 8.01 -6.11
CA ASN A 48 -19.21 7.01 -5.61
C ASN A 48 -18.50 5.95 -4.78
N LEU A 49 -19.05 5.67 -3.59
CA LEU A 49 -18.57 4.55 -2.80
C LEU A 49 -18.78 3.26 -3.58
N VAL A 50 -17.80 2.35 -3.48
CA VAL A 50 -17.85 1.08 -4.20
C VAL A 50 -18.69 0.09 -3.38
N LYS A 51 -19.80 -0.37 -3.95
CA LYS A 51 -20.65 -1.31 -3.25
C LYS A 51 -19.90 -2.60 -2.96
N GLY A 52 -19.99 -3.05 -1.71
CA GLY A 52 -19.40 -4.31 -1.30
C GLY A 52 -18.06 -4.19 -0.60
N ILE A 53 -17.59 -2.98 -0.36
CA ILE A 53 -16.29 -2.75 0.26
C ILE A 53 -16.57 -1.94 1.51
N ASP A 54 -16.58 -2.62 2.67
CA ASP A 54 -16.91 -1.96 3.92
C ASP A 54 -15.98 -2.32 5.07
N ASN A 55 -14.96 -3.14 4.82
CA ASN A 55 -13.96 -3.53 5.83
C ASN A 55 -12.56 -3.41 5.27
N GLY A 56 -12.28 -2.31 4.62
CA GLY A 56 -10.92 -2.01 4.21
C GLY A 56 -10.64 -2.34 2.75
N SER A 57 -9.69 -1.62 2.18
CA SER A 57 -9.20 -1.84 0.83
C SER A 57 -7.78 -1.30 0.78
N GLU A 58 -6.91 -1.81 1.66
CA GLU A 58 -5.66 -1.13 1.95
C GLU A 58 -4.80 -0.97 0.70
N ASP A 59 -4.78 -1.97 -0.18
CA ASP A 59 -3.96 -1.84 -1.38
C ASP A 59 -4.72 -2.28 -2.61
N LEU A 60 -4.28 -1.76 -3.74
CA LEU A 60 -4.91 -2.16 -4.99
C LEU A 60 -3.92 -1.97 -6.11
N GLU A 61 -4.18 -2.63 -7.21
CA GLU A 61 -3.29 -2.54 -8.36
C GLU A 61 -4.15 -2.74 -9.60
N ILE A 62 -3.94 -1.89 -10.59
CA ILE A 62 -4.68 -1.93 -11.84
C ILE A 62 -3.74 -2.47 -12.91
N LEU A 63 -4.15 -3.54 -13.58
CA LEU A 63 -3.38 -4.02 -14.72
C LEU A 63 -3.57 -3.09 -15.92
N PRO A 64 -2.64 -3.12 -16.87
CA PRO A 64 -2.86 -2.37 -18.13
C PRO A 64 -4.24 -2.60 -18.76
N ASN A 65 -4.76 -3.83 -18.72
CA ASN A 65 -6.06 -4.08 -19.33
C ASN A 65 -7.22 -3.57 -18.50
N GLY A 66 -6.97 -2.86 -17.40
CA GLY A 66 -8.05 -2.27 -16.62
C GLY A 66 -8.69 -3.16 -15.58
N LEU A 67 -8.20 -4.38 -15.38
CA LEU A 67 -8.61 -5.18 -14.23
C LEU A 67 -7.87 -4.67 -12.99
N ALA A 68 -8.60 -4.60 -11.88
CA ALA A 68 -8.06 -4.07 -10.63
C ALA A 68 -8.22 -5.09 -9.52
N PHE A 69 -7.13 -5.36 -8.81
CA PHE A 69 -7.13 -6.22 -7.64
C PHE A 69 -7.15 -5.35 -6.40
N ILE A 70 -7.91 -5.79 -5.38
CA ILE A 70 -8.03 -5.06 -4.13
C ILE A 70 -7.90 -6.04 -2.98
N SER A 71 -7.01 -5.73 -2.04
CA SER A 71 -6.94 -6.51 -0.82
C SER A 71 -7.85 -5.88 0.24
N SER A 72 -8.56 -6.71 0.99
CA SER A 72 -9.49 -6.16 1.96
C SER A 72 -9.54 -7.04 3.20
N GLY A 73 -9.99 -6.45 4.29
CA GLY A 73 -10.12 -7.18 5.54
C GLY A 73 -8.88 -7.20 6.39
N LEU A 74 -7.93 -6.31 6.15
CA LEU A 74 -6.72 -6.27 6.96
C LEU A 74 -7.06 -6.11 8.45
N LYS A 75 -6.53 -7.00 9.29
CA LYS A 75 -6.45 -6.82 10.73
C LYS A 75 -5.00 -6.51 11.08
N TYR A 76 -4.77 -5.36 11.72
CA TYR A 76 -3.44 -4.83 12.04
C TYR A 76 -3.35 -4.58 13.53
N PRO A 77 -2.24 -4.99 14.21
CA PRO A 77 -2.20 -4.87 15.68
C PRO A 77 -2.42 -3.44 16.16
N GLY A 78 -3.56 -3.21 16.83
CA GLY A 78 -3.87 -1.90 17.36
C GLY A 78 -4.52 -0.91 16.42
N ILE A 79 -5.28 -1.40 15.42
CA ILE A 79 -5.92 -0.56 14.41
C ILE A 79 -7.39 -0.97 14.34
N MET A 80 -8.25 0.02 14.05
CA MET A 80 -9.68 -0.25 14.08
C MET A 80 -10.06 -1.36 13.12
N SER A 81 -11.17 -2.04 13.44
CA SER A 81 -11.70 -3.09 12.60
C SER A 81 -13.18 -3.25 12.94
N PHE A 82 -14.05 -3.13 11.93
CA PHE A 82 -15.48 -3.25 12.14
C PHE A 82 -15.96 -4.69 12.20
N ASP A 83 -15.22 -5.64 11.62
CA ASP A 83 -15.51 -7.08 11.71
C ASP A 83 -14.24 -7.81 12.12
N PRO A 84 -13.86 -7.80 13.40
CA PRO A 84 -12.61 -8.44 13.79
C PRO A 84 -12.53 -9.92 13.42
N ASP A 85 -13.68 -10.56 13.13
CA ASP A 85 -13.75 -12.01 13.01
C ASP A 85 -14.04 -12.51 11.61
N LYS A 86 -14.23 -11.63 10.62
CA LYS A 86 -14.38 -12.03 9.23
C LYS A 86 -13.05 -11.91 8.49
N SER A 87 -12.80 -12.87 7.58
CA SER A 87 -11.48 -12.99 6.99
C SER A 87 -11.30 -12.01 5.83
N GLY A 88 -10.03 -11.70 5.58
CA GLY A 88 -9.67 -10.91 4.42
C GLY A 88 -9.90 -11.66 3.13
N LYS A 89 -9.81 -10.92 2.04
CA LYS A 89 -10.01 -11.51 0.72
C LYS A 89 -9.42 -10.55 -0.31
N ILE A 90 -9.22 -11.08 -1.51
CA ILE A 90 -8.82 -10.29 -2.66
C ILE A 90 -10.05 -10.10 -3.53
N LEU A 91 -10.34 -8.84 -3.86
CA LEU A 91 -11.47 -8.49 -4.72
C LEU A 91 -10.97 -8.13 -6.11
N LEU A 92 -11.86 -8.28 -7.09
CA LEU A 92 -11.60 -7.93 -8.49
C LEU A 92 -12.66 -6.95 -8.98
N MET A 93 -12.21 -5.94 -9.71
CA MET A 93 -13.05 -4.96 -10.39
C MET A 93 -12.57 -4.81 -11.81
N ASP A 94 -13.51 -4.74 -12.75
CA ASP A 94 -13.22 -4.48 -14.16
C ASP A 94 -13.51 -3.01 -14.44
N LEU A 95 -12.45 -2.19 -14.46
CA LEU A 95 -12.66 -0.75 -14.56
C LEU A 95 -13.06 -0.29 -15.96
N ASN A 96 -13.04 -1.20 -16.95
CA ASN A 96 -13.58 -0.90 -18.29
C ASN A 96 -15.11 -0.86 -18.31
N GLU A 97 -15.77 -1.54 -17.38
CA GLU A 97 -17.21 -1.37 -17.21
C GLU A 97 -17.52 0.03 -16.71
N LYS A 98 -18.72 0.52 -17.05
CA LYS A 98 -19.05 1.88 -16.64
C LYS A 98 -19.59 1.93 -15.22
N GLU A 99 -20.25 0.86 -14.77
CA GLU A 99 -20.69 0.73 -13.38
C GLU A 99 -20.00 -0.49 -12.79
N PRO A 100 -18.74 -0.37 -12.36
CA PRO A 100 -17.96 -1.57 -12.05
C PRO A 100 -18.36 -2.14 -10.70
N ALA A 101 -18.61 -3.44 -10.68
CA ALA A 101 -18.99 -4.16 -9.47
C ALA A 101 -17.80 -4.97 -8.96
N VAL A 102 -17.71 -5.15 -7.64
CA VAL A 102 -16.63 -5.95 -7.06
C VAL A 102 -17.11 -7.39 -6.90
N SER A 103 -16.23 -8.33 -7.22
CA SER A 103 -16.44 -9.74 -6.96
C SER A 103 -15.27 -10.32 -6.19
N GLU A 104 -15.56 -11.25 -5.29
CA GLU A 104 -14.53 -11.90 -4.46
C GLU A 104 -13.82 -12.97 -5.28
N LEU A 105 -12.49 -12.87 -5.39
CA LEU A 105 -11.73 -13.90 -6.09
C LEU A 105 -11.63 -15.16 -5.24
N GLU A 106 -11.90 -16.32 -5.84
CA GLU A 106 -11.78 -17.55 -5.08
C GLU A 106 -10.34 -18.02 -5.06
N ILE A 107 -9.82 -18.33 -3.86
CA ILE A 107 -8.48 -18.89 -3.69
C ILE A 107 -8.55 -20.41 -3.80
N ILE A 108 -7.89 -20.98 -4.80
CA ILE A 108 -7.80 -22.42 -4.93
C ILE A 108 -6.37 -22.86 -4.67
N GLY A 109 -6.22 -24.06 -4.13
CA GLY A 109 -4.94 -24.64 -3.79
C GLY A 109 -4.99 -25.27 -2.40
N ASN A 110 -4.08 -26.23 -2.16
CA ASN A 110 -4.00 -26.88 -0.87
C ASN A 110 -2.75 -26.50 -0.09
N THR A 111 -1.93 -25.60 -0.60
CA THR A 111 -0.72 -25.15 0.06
C THR A 111 -0.93 -23.93 0.96
N LEU A 112 -2.17 -23.47 1.16
CA LEU A 112 -2.41 -22.24 1.91
C LEU A 112 -3.65 -22.41 2.76
N ASP A 113 -3.56 -22.00 4.03
CA ASP A 113 -4.71 -22.00 4.92
C ASP A 113 -5.46 -20.68 4.75
N ILE A 114 -6.61 -20.73 4.08
CA ILE A 114 -7.43 -19.54 3.82
C ILE A 114 -8.11 -19.00 5.07
N SER A 115 -8.31 -19.83 6.10
CA SER A 115 -9.11 -19.41 7.23
C SER A 115 -8.46 -18.26 7.99
N SER A 116 -7.13 -18.18 7.95
CA SER A 116 -6.37 -17.13 8.63
C SER A 116 -6.02 -15.95 7.71
N PHE A 117 -6.44 -15.98 6.44
CA PHE A 117 -5.98 -15.04 5.43
C PHE A 117 -6.23 -13.60 5.88
N ASN A 118 -5.16 -12.80 5.88
CA ASN A 118 -5.20 -11.42 6.35
C ASN A 118 -4.31 -10.57 5.43
N PRO A 119 -4.83 -10.20 4.26
CA PRO A 119 -3.97 -9.60 3.22
C PRO A 119 -3.72 -8.11 3.45
N HIS A 120 -2.51 -7.66 3.04
CA HIS A 120 -2.02 -6.31 3.26
C HIS A 120 -1.64 -5.74 1.89
N GLY A 121 -0.36 -5.36 1.67
CA GLY A 121 0.06 -4.87 0.37
C GLY A 121 0.04 -5.95 -0.71
N ILE A 122 -0.08 -5.51 -1.97
CA ILE A 122 -0.06 -6.41 -3.11
C ILE A 122 0.81 -5.85 -4.22
N SER A 123 1.18 -6.72 -5.16
CA SER A 123 1.86 -6.35 -6.38
C SER A 123 1.52 -7.39 -7.44
N THR A 124 1.69 -7.03 -8.70
CA THR A 124 1.50 -7.97 -9.79
C THR A 124 2.76 -8.00 -10.63
N PHE A 125 2.90 -9.09 -11.37
CA PHE A 125 3.93 -9.20 -12.37
C PHE A 125 3.37 -10.00 -13.55
N ILE A 126 3.50 -9.47 -14.75
CA ILE A 126 3.05 -10.17 -15.96
C ILE A 126 4.26 -10.75 -16.67
N ASP A 127 4.25 -12.06 -16.86
CA ASP A 127 5.34 -12.80 -17.51
C ASP A 127 5.34 -12.57 -19.03
N ASP A 128 6.38 -13.09 -19.68
CA ASP A 128 6.44 -13.05 -21.13
C ASP A 128 5.25 -13.77 -21.75
N ASP A 129 4.88 -14.92 -21.19
CA ASP A 129 3.72 -15.68 -21.67
C ASP A 129 2.39 -15.05 -21.31
N ASN A 130 2.39 -13.86 -20.70
CA ASN A 130 1.21 -13.14 -20.26
C ASN A 130 0.52 -13.78 -19.06
N THR A 131 1.20 -14.67 -18.34
CA THR A 131 0.70 -15.10 -17.04
C THR A 131 0.76 -13.94 -16.06
N VAL A 132 -0.32 -13.75 -15.30
CA VAL A 132 -0.41 -12.68 -14.32
C VAL A 132 -0.20 -13.28 -12.95
N TYR A 133 0.89 -12.89 -12.31
CA TYR A 133 1.12 -13.25 -10.92
C TYR A 133 0.71 -12.11 -9.99
N LEU A 134 0.01 -12.49 -8.91
CA LEU A 134 -0.36 -11.60 -7.83
C LEU A 134 0.39 -11.99 -6.57
N LEU A 135 1.20 -11.07 -6.05
CA LEU A 135 1.89 -11.25 -4.77
C LEU A 135 1.15 -10.47 -3.69
N VAL A 136 0.91 -11.11 -2.54
CA VAL A 136 0.06 -10.59 -1.47
C VAL A 136 0.79 -10.72 -0.14
N VAL A 137 1.05 -9.58 0.51
CA VAL A 137 1.50 -9.61 1.90
C VAL A 137 0.37 -10.19 2.74
N ASN A 138 0.72 -11.12 3.61
CA ASN A 138 -0.25 -11.82 4.45
C ASN A 138 0.27 -11.81 5.88
N HIS A 139 -0.62 -11.56 6.84
CA HIS A 139 -0.25 -11.53 8.27
C HIS A 139 -1.10 -12.53 9.03
N PRO A 140 -0.80 -13.83 8.92
CA PRO A 140 -1.46 -14.83 9.77
C PRO A 140 -0.85 -14.80 11.16
N GLY A 141 -1.60 -14.25 12.12
CA GLY A 141 -1.00 -13.93 13.41
C GLY A 141 -0.14 -12.69 13.30
N SER A 142 0.93 -12.65 14.08
CA SER A 142 1.85 -11.52 14.10
C SER A 142 3.03 -11.68 13.15
N SER A 143 3.02 -12.70 12.31
CA SER A 143 4.09 -12.95 11.36
C SER A 143 3.79 -12.27 10.01
N SER A 144 4.75 -12.35 9.10
CA SER A 144 4.57 -11.87 7.75
C SER A 144 4.96 -12.97 6.78
N THR A 145 4.14 -13.16 5.75
CA THR A 145 4.48 -13.95 4.59
C THR A 145 4.18 -13.12 3.36
N VAL A 146 4.74 -13.52 2.23
CA VAL A 146 4.30 -13.05 0.93
C VAL A 146 3.74 -14.26 0.21
N GLU A 147 2.46 -14.21 -0.16
CA GLU A 147 1.80 -15.28 -0.90
C GLU A 147 1.86 -15.00 -2.39
N VAL A 148 2.22 -16.02 -3.19
CA VAL A 148 2.29 -15.90 -4.64
C VAL A 148 1.09 -16.63 -5.26
N PHE A 149 0.31 -15.92 -6.07
CA PHE A 149 -0.81 -16.54 -6.79
C PHE A 149 -0.62 -16.38 -8.29
N LYS A 150 -1.22 -17.29 -9.05
CA LYS A 150 -1.38 -17.11 -10.49
C LYS A 150 -2.83 -16.76 -10.75
N PHE A 151 -3.04 -15.63 -11.42
CA PHE A 151 -4.39 -15.18 -11.72
C PHE A 151 -4.99 -16.02 -12.83
N GLN A 152 -6.19 -16.54 -12.61
CA GLN A 152 -6.94 -17.29 -13.61
C GLN A 152 -8.12 -16.41 -14.02
N GLU A 153 -7.96 -15.68 -15.12
CA GLU A 153 -8.91 -14.61 -15.46
C GLU A 153 -10.29 -15.17 -15.75
N GLU A 154 -10.35 -16.20 -16.60
CA GLU A 154 -11.62 -16.76 -17.06
C GLU A 154 -12.46 -17.27 -15.89
N GLU A 155 -11.84 -17.95 -14.94
CA GLU A 155 -12.56 -18.50 -13.79
C GLU A 155 -12.65 -17.53 -12.62
N LYS A 156 -12.12 -16.31 -12.74
CA LYS A 156 -12.12 -15.31 -11.67
C LYS A 156 -11.59 -15.91 -10.36
N SER A 157 -10.39 -16.47 -10.42
CA SER A 157 -9.87 -17.22 -9.28
C SER A 157 -8.35 -17.02 -9.20
N LEU A 158 -7.82 -17.27 -8.00
CA LEU A 158 -6.40 -17.18 -7.71
C LEU A 158 -5.87 -18.55 -7.34
N LEU A 159 -4.95 -19.07 -8.15
CA LEU A 159 -4.26 -20.31 -7.83
C LEU A 159 -3.05 -20.02 -6.92
N HIS A 160 -3.04 -20.60 -5.73
CA HIS A 160 -1.92 -20.41 -4.82
C HIS A 160 -0.71 -21.23 -5.27
N LEU A 161 0.45 -20.59 -5.30
CA LEU A 161 1.70 -21.23 -5.71
C LEU A 161 2.69 -21.37 -4.57
N LYS A 162 2.95 -20.31 -3.80
CA LYS A 162 4.06 -20.37 -2.87
C LYS A 162 3.80 -19.44 -1.68
N THR A 163 4.18 -19.89 -0.49
CA THR A 163 4.28 -19.03 0.68
C THR A 163 5.74 -18.72 0.92
N ILE A 164 6.07 -17.43 0.98
CA ILE A 164 7.47 -16.98 1.20
C ILE A 164 7.61 -16.37 2.60
N ARG A 165 8.63 -16.79 3.32
CA ARG A 165 8.92 -16.29 4.68
C ARG A 165 10.43 -16.12 4.78
N HIS A 166 10.90 -15.13 5.51
CA HIS A 166 12.36 -14.91 5.69
C HIS A 166 12.62 -14.08 6.95
N LYS A 167 13.81 -14.25 7.53
CA LYS A 167 14.22 -13.45 8.72
C LYS A 167 14.24 -11.98 8.33
N LEU A 168 14.56 -11.72 7.08
CA LEU A 168 14.63 -10.35 6.58
C LEU A 168 13.28 -9.82 6.06
N LEU A 169 12.19 -10.56 6.24
CA LEU A 169 10.84 -10.06 6.01
C LEU A 169 10.07 -10.12 7.32
N PRO A 170 10.57 -9.43 8.36
CA PRO A 170 9.92 -9.54 9.68
C PRO A 170 8.53 -8.94 9.75
N SER A 171 8.31 -7.79 9.14
CA SER A 171 7.06 -7.03 9.36
C SER A 171 6.70 -6.31 8.05
N VAL A 172 6.30 -7.10 7.05
CA VAL A 172 6.19 -6.58 5.69
C VAL A 172 4.93 -5.72 5.56
N ASN A 173 5.06 -4.62 4.85
CA ASN A 173 3.95 -3.71 4.61
C ASN A 173 3.50 -3.73 3.15
N ASP A 174 4.39 -3.45 2.20
CA ASP A 174 4.07 -3.59 0.78
C ASP A 174 5.27 -4.23 0.06
N ILE A 175 5.01 -4.71 -1.16
CA ILE A 175 6.07 -5.18 -2.04
C ILE A 175 5.82 -4.64 -3.43
N VAL A 176 6.87 -4.63 -4.24
CA VAL A 176 6.73 -4.43 -5.68
C VAL A 176 7.40 -5.60 -6.38
N ALA A 177 6.62 -6.31 -7.19
CA ALA A 177 7.11 -7.49 -7.89
C ALA A 177 7.98 -7.07 -9.08
N VAL A 178 9.16 -7.69 -9.20
CA VAL A 178 10.01 -7.57 -10.37
C VAL A 178 10.19 -8.90 -11.08
N GLY A 179 9.41 -9.91 -10.68
CA GLY A 179 9.44 -11.23 -11.24
C GLY A 179 8.42 -12.06 -10.50
N PRO A 180 8.23 -13.31 -10.92
CA PRO A 180 7.16 -14.14 -10.32
C PRO A 180 7.36 -14.49 -8.85
N GLU A 181 8.60 -14.60 -8.37
CA GLU A 181 8.91 -14.67 -6.95
C GLU A 181 10.05 -13.74 -6.62
N HIS A 182 10.00 -12.54 -7.18
CA HIS A 182 11.05 -11.55 -7.02
C HIS A 182 10.39 -10.22 -6.68
N PHE A 183 10.89 -9.55 -5.65
CA PHE A 183 10.22 -8.33 -5.21
C PHE A 183 11.11 -7.58 -4.23
N TYR A 184 10.89 -6.27 -4.14
CA TYR A 184 11.35 -5.48 -3.00
C TYR A 184 10.21 -5.36 -2.00
N ALA A 185 10.53 -5.49 -0.73
CA ALA A 185 9.55 -5.43 0.35
C ALA A 185 9.93 -4.35 1.36
N THR A 186 8.92 -3.60 1.82
CA THR A 186 9.12 -2.73 2.98
C THR A 186 8.77 -3.50 4.24
N ASN A 187 9.57 -3.31 5.28
CA ASN A 187 9.19 -3.72 6.62
C ASN A 187 8.91 -2.45 7.41
N ASP A 188 7.69 -2.33 7.94
CA ASP A 188 7.35 -1.10 8.64
C ASP A 188 7.80 -1.10 10.10
N HIS A 189 8.37 -2.20 10.57
CA HIS A 189 8.99 -2.29 11.89
C HIS A 189 10.18 -3.25 11.79
N TYR A 190 11.09 -3.12 12.74
CA TYR A 190 12.19 -4.07 12.92
C TYR A 190 11.76 -5.27 13.75
N PHE A 191 10.94 -5.05 14.79
CA PHE A 191 10.51 -6.12 15.68
C PHE A 191 9.21 -6.77 15.20
N ILE A 192 9.02 -8.01 15.60
CA ILE A 192 7.83 -8.77 15.24
C ILE A 192 6.81 -8.71 16.37
N ASP A 193 7.30 -8.70 17.62
CA ASP A 193 6.39 -8.74 18.75
C ASP A 193 5.55 -7.47 18.77
N PRO A 194 4.22 -7.58 18.83
CA PRO A 194 3.40 -6.35 18.74
C PRO A 194 3.72 -5.35 19.84
N TYR A 195 4.05 -5.83 21.04
CA TYR A 195 4.40 -4.93 22.12
C TYR A 195 5.66 -4.15 21.79
N LEU A 196 6.73 -4.84 21.43
CA LEU A 196 8.00 -4.19 21.13
C LEU A 196 7.86 -3.22 19.95
N LYS A 197 7.16 -3.61 18.89
CA LYS A 197 7.08 -2.71 17.74
C LYS A 197 6.24 -1.49 18.05
N SER A 198 5.26 -1.62 18.94
CA SER A 198 4.57 -0.45 19.46
C SER A 198 5.57 0.48 20.15
N TRP A 199 6.42 -0.05 21.03
CA TRP A 199 7.45 0.79 21.62
C TRP A 199 8.38 1.36 20.56
N GLU A 200 8.88 0.50 19.68
CA GLU A 200 9.79 0.92 18.63
C GLU A 200 9.24 2.10 17.85
N MET A 201 7.95 2.04 17.50
CA MET A 201 7.30 3.13 16.79
C MET A 201 7.23 4.39 17.66
N HIS A 202 6.68 4.28 18.88
CA HIS A 202 6.52 5.46 19.73
C HIS A 202 7.85 6.15 19.98
N LEU A 203 8.90 5.36 20.21
CA LEU A 203 10.23 5.86 20.51
C LEU A 203 10.94 6.48 19.32
N GLY A 204 10.44 6.27 18.09
CA GLY A 204 11.12 6.81 16.91
C GLY A 204 12.48 6.21 16.61
N LEU A 205 12.69 4.93 16.92
CA LEU A 205 13.98 4.30 16.64
C LEU A 205 14.35 4.38 15.14
N ALA A 206 13.37 4.21 14.25
CA ALA A 206 13.60 4.25 12.79
C ALA A 206 14.54 3.13 12.33
N TRP A 207 14.21 1.90 12.72
CA TRP A 207 14.99 0.71 12.39
C TRP A 207 14.38 -0.11 11.26
N SER A 208 13.25 0.33 10.69
CA SER A 208 12.64 -0.43 9.62
C SER A 208 13.49 -0.30 8.36
N PHE A 209 13.32 -1.26 7.45
CA PHE A 209 14.23 -1.41 6.32
C PHE A 209 13.52 -2.10 5.15
N VAL A 210 14.18 -2.06 4.00
CA VAL A 210 13.63 -2.56 2.74
C VAL A 210 14.49 -3.74 2.28
N THR A 211 13.84 -4.83 1.87
CA THR A 211 14.48 -6.09 1.55
C THR A 211 14.26 -6.45 0.09
N TYR A 212 15.33 -6.89 -0.60
CA TYR A 212 15.17 -7.52 -1.90
C TYR A 212 15.08 -9.03 -1.71
N TYR A 213 14.04 -9.63 -2.27
CA TYR A 213 13.82 -11.07 -2.21
C TYR A 213 13.82 -11.69 -3.60
N SER A 214 14.56 -12.77 -3.75
CA SER A 214 14.51 -13.63 -4.92
C SER A 214 14.77 -15.06 -4.44
N PRO A 215 14.45 -16.06 -5.27
CA PRO A 215 14.79 -17.44 -4.90
C PRO A 215 16.28 -17.64 -4.64
N ASN A 216 17.15 -16.91 -5.35
CA ASN A 216 18.59 -17.11 -5.20
C ASN A 216 19.24 -16.24 -4.12
N ASP A 217 18.72 -15.05 -3.85
CA ASP A 217 19.43 -14.11 -2.97
C ASP A 217 18.42 -13.22 -2.25
N VAL A 218 18.62 -13.00 -0.96
CA VAL A 218 17.78 -12.15 -0.13
C VAL A 218 18.70 -11.23 0.66
N ARG A 219 18.54 -9.92 0.51
CA ARG A 219 19.41 -9.01 1.22
C ARG A 219 18.71 -7.68 1.45
N VAL A 220 19.16 -6.98 2.49
CA VAL A 220 18.68 -5.63 2.77
C VAL A 220 19.29 -4.67 1.77
N VAL A 221 18.45 -3.83 1.15
CA VAL A 221 18.93 -2.88 0.16
C VAL A 221 18.81 -1.43 0.61
N ALA A 222 18.13 -1.14 1.71
CA ALA A 222 18.05 0.20 2.27
C ALA A 222 17.52 0.09 3.69
N GLU A 223 17.97 0.98 4.58
CA GLU A 223 17.60 0.83 5.98
C GLU A 223 17.51 2.18 6.68
N GLY A 224 17.11 2.12 7.95
CA GLY A 224 17.04 3.29 8.80
C GLY A 224 15.78 4.11 8.63
N PHE A 225 14.63 3.47 8.44
CA PHE A 225 13.39 4.12 8.06
C PHE A 225 12.44 4.27 9.24
N ASP A 226 11.78 5.43 9.30
CA ASP A 226 10.66 5.69 10.20
C ASP A 226 9.37 5.19 9.53
N PHE A 227 9.08 3.88 9.71
CA PHE A 227 7.87 3.25 9.17
C PHE A 227 7.83 3.23 7.64
N ALA A 228 8.75 2.49 7.01
CA ALA A 228 8.70 2.32 5.55
C ALA A 228 7.40 1.62 5.16
N ASN A 229 6.80 2.07 4.06
CA ASN A 229 5.40 1.72 3.80
C ASN A 229 5.20 1.40 2.33
N GLY A 230 4.71 2.34 1.52
CA GLY A 230 4.53 2.06 0.11
C GLY A 230 5.85 1.87 -0.60
N ILE A 231 5.80 1.12 -1.71
CA ILE A 231 6.97 0.87 -2.53
C ILE A 231 6.50 0.59 -3.95
N ASN A 232 7.22 1.14 -4.93
CA ASN A 232 6.86 0.87 -6.31
C ASN A 232 8.06 1.19 -7.19
N ILE A 233 7.87 1.05 -8.50
CA ILE A 233 8.96 1.04 -9.46
C ILE A 233 8.50 1.81 -10.69
N SER A 234 9.42 2.56 -11.31
CA SER A 234 9.09 3.28 -12.54
C SER A 234 8.83 2.28 -13.65
N PRO A 235 8.06 2.66 -14.67
CA PRO A 235 7.66 1.67 -15.70
C PRO A 235 8.84 1.10 -16.47
N ASP A 236 10.00 1.76 -16.44
CA ASP A 236 11.19 1.28 -17.12
C ASP A 236 12.15 0.55 -16.20
N GLY A 237 11.77 0.32 -14.94
CA GLY A 237 12.61 -0.42 -14.01
C GLY A 237 13.81 0.32 -13.47
N LYS A 238 14.07 1.56 -13.91
CA LYS A 238 15.30 2.21 -13.50
C LYS A 238 15.25 2.76 -12.09
N TYR A 239 14.06 3.06 -11.57
CA TYR A 239 13.96 3.74 -10.28
C TYR A 239 12.96 3.04 -9.37
N VAL A 240 13.26 3.08 -8.08
CA VAL A 240 12.41 2.51 -7.05
C VAL A 240 12.03 3.62 -6.09
N TYR A 241 10.75 3.64 -5.69
CA TYR A 241 10.18 4.65 -4.81
C TYR A 241 9.74 4.03 -3.49
N ILE A 242 10.17 4.61 -2.38
CA ILE A 242 9.86 4.08 -1.05
C ILE A 242 9.22 5.18 -0.21
N ALA A 243 8.04 4.91 0.32
CA ALA A 243 7.34 5.85 1.18
C ALA A 243 7.76 5.63 2.62
N GLU A 244 8.13 6.70 3.29
CA GLU A 244 8.46 6.66 4.72
C GLU A 244 7.35 7.40 5.48
N LEU A 245 6.41 6.64 6.04
CA LEU A 245 5.15 7.20 6.54
C LEU A 245 5.36 8.29 7.58
N LEU A 246 5.95 7.94 8.72
CA LEU A 246 6.07 8.86 9.85
C LEU A 246 7.17 9.90 9.69
N ALA A 247 8.00 9.84 8.65
CA ALA A 247 8.86 10.96 8.29
C ALA A 247 8.25 11.85 7.22
N HIS A 248 7.09 11.48 6.66
CA HIS A 248 6.44 12.26 5.59
C HIS A 248 7.37 12.46 4.39
N LYS A 249 8.11 11.41 4.02
CA LYS A 249 9.06 11.45 2.92
C LYS A 249 8.77 10.35 1.89
N ILE A 250 9.12 10.62 0.64
CA ILE A 250 9.22 9.61 -0.39
C ILE A 250 10.64 9.60 -0.91
N HIS A 251 11.30 8.45 -0.81
CA HIS A 251 12.67 8.28 -1.27
C HIS A 251 12.70 7.69 -2.68
N VAL A 252 13.58 8.23 -3.51
CA VAL A 252 13.81 7.76 -4.88
C VAL A 252 15.18 7.10 -4.93
N TYR A 253 15.27 5.96 -5.61
CA TYR A 253 16.53 5.22 -5.71
C TYR A 253 16.82 4.86 -7.14
N GLU A 254 18.10 4.86 -7.49
CA GLU A 254 18.54 4.20 -8.72
C GLU A 254 18.56 2.69 -8.49
N LYS A 255 17.90 1.95 -9.36
CA LYS A 255 17.91 0.49 -9.30
C LYS A 255 18.88 -0.04 -10.34
N HIS A 256 19.92 -0.71 -9.88
CA HIS A 256 20.90 -1.29 -10.80
C HIS A 256 20.45 -2.68 -11.28
N ALA A 257 21.16 -3.21 -12.28
CA ALA A 257 20.80 -4.50 -12.86
C ALA A 257 21.08 -5.68 -11.94
N ASN A 258 22.04 -5.56 -11.00
CA ASN A 258 22.24 -6.50 -9.90
C ASN A 258 21.28 -6.27 -8.71
N TRP A 259 20.26 -5.41 -8.88
CA TRP A 259 19.18 -5.17 -7.93
C TRP A 259 19.59 -4.38 -6.70
N THR A 260 20.79 -3.83 -6.65
CA THR A 260 21.08 -2.91 -5.55
C THR A 260 20.38 -1.55 -5.78
N LEU A 261 20.22 -0.79 -4.69
CA LEU A 261 19.58 0.53 -4.74
C LEU A 261 20.55 1.59 -4.24
N THR A 262 20.63 2.73 -4.95
CA THR A 262 21.49 3.84 -4.51
C THR A 262 20.66 5.12 -4.39
N PRO A 263 20.78 5.85 -3.28
CA PRO A 263 19.89 7.00 -3.07
C PRO A 263 20.07 8.03 -4.17
N LEU A 264 18.98 8.72 -4.48
CA LEU A 264 19.01 9.70 -5.56
C LEU A 264 18.34 11.02 -5.11
N ARG A 265 17.12 10.96 -4.57
CA ARG A 265 16.37 12.14 -4.11
C ARG A 265 15.55 11.77 -2.90
N VAL A 266 15.05 12.79 -2.21
CA VAL A 266 14.11 12.62 -1.10
C VAL A 266 13.12 13.77 -1.19
N LEU A 267 11.85 13.46 -1.44
CA LEU A 267 10.80 14.47 -1.39
C LEU A 267 10.19 14.48 0.01
N SER A 268 9.84 15.68 0.47
CA SER A 268 9.17 15.86 1.75
C SER A 268 7.76 16.38 1.54
N PHE A 269 6.88 16.00 2.45
CA PHE A 269 5.48 16.40 2.43
C PHE A 269 5.10 16.70 3.87
N ASP A 270 3.92 17.28 4.08
CA ASP A 270 3.44 17.43 5.44
C ASP A 270 2.21 16.56 5.68
N THR A 271 2.17 15.41 5.00
CA THR A 271 1.14 14.41 5.19
C THR A 271 1.83 13.05 5.30
N LEU A 272 1.19 12.12 6.01
CA LEU A 272 1.72 10.77 6.16
C LEU A 272 1.46 9.96 4.89
N VAL A 273 2.52 9.67 4.13
CA VAL A 273 2.39 8.99 2.84
C VAL A 273 2.32 7.48 3.07
N ASP A 274 1.33 6.82 2.44
CA ASP A 274 1.10 5.40 2.67
C ASP A 274 1.54 4.64 1.42
N ASN A 275 0.62 4.21 0.55
CA ASN A 275 1.01 3.40 -0.61
C ASN A 275 1.21 4.24 -1.86
N ILE A 276 2.15 3.80 -2.71
CA ILE A 276 2.46 4.42 -3.99
C ILE A 276 1.95 3.55 -5.12
N SER A 277 1.21 4.15 -6.05
CA SER A 277 0.90 3.58 -7.35
C SER A 277 1.64 4.36 -8.40
N VAL A 278 1.86 3.73 -9.55
CA VAL A 278 2.59 4.34 -10.64
C VAL A 278 1.72 4.28 -11.88
N ASP A 279 1.46 5.44 -12.48
CA ASP A 279 0.78 5.47 -13.76
C ASP A 279 1.74 4.95 -14.84
N PRO A 280 1.42 3.86 -15.52
CA PRO A 280 2.39 3.30 -16.47
C PRO A 280 2.69 4.23 -17.63
N VAL A 281 1.73 5.07 -18.03
CA VAL A 281 1.88 5.91 -19.21
C VAL A 281 2.81 7.10 -18.93
N THR A 282 2.67 7.72 -17.77
CA THR A 282 3.47 8.91 -17.46
C THR A 282 4.60 8.65 -16.48
N GLY A 283 4.53 7.59 -15.66
CA GLY A 283 5.46 7.44 -14.57
C GLY A 283 5.12 8.26 -13.34
N ASP A 284 4.01 8.99 -13.33
CA ASP A 284 3.60 9.72 -12.14
C ASP A 284 3.33 8.77 -10.98
N LEU A 285 3.66 9.22 -9.77
CA LEU A 285 3.26 8.55 -8.55
C LEU A 285 1.88 9.07 -8.14
N TRP A 286 0.99 8.15 -7.77
CA TRP A 286 -0.26 8.48 -7.10
C TRP A 286 -0.22 7.89 -5.71
N VAL A 287 -0.42 8.73 -4.69
CA VAL A 287 -0.11 8.39 -3.31
C VAL A 287 -1.33 8.59 -2.43
N GLY A 288 -1.66 7.57 -1.64
CA GLY A 288 -2.68 7.70 -0.62
C GLY A 288 -2.04 8.14 0.69
N CYS A 289 -2.68 9.12 1.36
CA CYS A 289 -2.06 9.81 2.47
C CYS A 289 -3.01 9.94 3.65
N HIS A 290 -2.42 9.96 4.83
CA HIS A 290 -3.15 10.18 6.07
C HIS A 290 -2.76 11.56 6.58
N PRO A 291 -3.67 12.54 6.53
CA PRO A 291 -3.30 13.91 6.97
C PRO A 291 -2.91 13.99 8.43
N ASN A 292 -3.58 13.23 9.29
CA ASN A 292 -3.39 13.29 10.73
C ASN A 292 -3.08 11.89 11.25
N GLY A 293 -1.89 11.73 11.83
CA GLY A 293 -1.47 10.41 12.27
C GLY A 293 -2.24 9.91 13.49
N MET A 294 -2.64 10.82 14.38
CA MET A 294 -3.38 10.39 15.55
C MET A 294 -4.71 9.77 15.17
N ARG A 295 -5.40 10.34 14.18
CA ARG A 295 -6.73 9.85 13.87
C ARG A 295 -6.67 8.51 13.16
N ILE A 296 -5.57 8.22 12.46
CA ILE A 296 -5.49 6.92 11.78
C ILE A 296 -4.98 5.84 12.73
N PHE A 297 -4.06 6.18 13.63
CA PHE A 297 -3.46 5.17 14.50
C PHE A 297 -4.27 4.86 15.74
N PHE A 298 -5.09 5.80 16.23
CA PHE A 298 -5.83 5.65 17.48
C PHE A 298 -7.29 5.98 17.20
N TYR A 299 -8.02 5.00 16.69
CA TYR A 299 -9.34 5.24 16.14
C TYR A 299 -10.30 5.76 17.21
N ASP A 300 -11.34 6.45 16.74
CA ASP A 300 -12.31 7.10 17.59
C ASP A 300 -13.49 7.40 16.68
N ALA A 301 -14.54 6.58 16.77
CA ALA A 301 -15.63 6.67 15.80
C ALA A 301 -16.23 8.07 15.72
N GLU A 302 -16.00 8.89 16.76
CA GLU A 302 -16.47 10.28 16.83
C GLU A 302 -15.51 11.26 16.18
N ASN A 303 -14.30 10.83 15.82
CA ASN A 303 -13.31 11.67 15.17
C ASN A 303 -12.58 10.85 14.10
N PRO A 304 -13.32 10.33 13.12
CA PRO A 304 -12.73 9.40 12.17
C PRO A 304 -11.63 10.08 11.36
N PRO A 305 -10.66 9.31 10.88
CA PRO A 305 -9.58 9.89 10.06
C PRO A 305 -10.10 10.17 8.65
N GLY A 306 -9.48 11.16 8.02
CA GLY A 306 -9.85 11.58 6.68
C GLY A 306 -9.06 10.87 5.58
N SER A 307 -8.97 11.56 4.44
CA SER A 307 -8.39 11.03 3.22
C SER A 307 -7.69 12.13 2.47
N GLU A 308 -6.69 11.75 1.67
CA GLU A 308 -5.94 12.70 0.86
C GLU A 308 -5.19 11.90 -0.20
N VAL A 309 -5.17 12.41 -1.43
CA VAL A 309 -4.52 11.77 -2.57
C VAL A 309 -3.60 12.79 -3.24
N LEU A 310 -2.31 12.45 -3.33
CA LEU A 310 -1.33 13.28 -4.01
C LEU A 310 -1.00 12.71 -5.38
N ARG A 311 -0.75 13.60 -6.33
CA ARG A 311 -0.13 13.29 -7.61
C ARG A 311 1.25 13.95 -7.62
N ILE A 312 2.30 13.18 -7.96
CA ILE A 312 3.66 13.70 -8.10
C ILE A 312 4.09 13.50 -9.55
N GLN A 313 4.53 14.57 -10.18
CA GLN A 313 4.95 14.58 -11.58
C GLN A 313 6.41 15.02 -11.71
N ASP A 314 7.09 14.42 -12.68
CA ASP A 314 8.51 14.65 -12.94
C ASP A 314 9.30 14.64 -11.64
N ILE A 315 9.27 13.47 -10.99
CA ILE A 315 9.88 13.31 -9.69
C ILE A 315 11.40 13.42 -9.75
N LEU A 316 12.01 13.25 -10.92
CA LEU A 316 13.44 13.44 -11.02
C LEU A 316 13.82 14.90 -11.26
N SER A 317 12.90 15.71 -11.78
CA SER A 317 13.19 17.10 -12.07
C SER A 317 13.60 17.85 -10.81
N GLU A 318 14.12 19.06 -11.01
CA GLU A 318 14.60 19.86 -9.88
C GLU A 318 13.46 20.32 -8.99
N GLU A 319 12.28 20.56 -9.55
CA GLU A 319 11.10 20.89 -8.76
C GLU A 319 9.94 19.99 -9.21
N PRO A 320 9.72 18.87 -8.52
CA PRO A 320 8.57 18.02 -8.86
C PRO A 320 7.26 18.75 -8.59
N LYS A 321 6.24 18.38 -9.36
CA LYS A 321 4.92 18.98 -9.25
C LYS A 321 4.04 18.09 -8.37
N VAL A 322 3.68 18.59 -7.19
CA VAL A 322 2.89 17.85 -6.21
C VAL A 322 1.52 18.49 -6.12
N THR A 323 0.48 17.71 -6.44
CA THR A 323 -0.89 18.19 -6.52
C THR A 323 -1.75 17.39 -5.56
N VAL A 324 -2.58 18.07 -4.78
CA VAL A 324 -3.62 17.40 -4.01
C VAL A 324 -4.82 17.21 -4.94
N VAL A 325 -5.10 15.96 -5.32
CA VAL A 325 -6.17 15.67 -6.26
C VAL A 325 -7.49 15.38 -5.57
N TYR A 326 -7.47 14.96 -4.31
CA TYR A 326 -8.67 14.63 -3.57
C TYR A 326 -8.33 14.67 -2.09
N ALA A 327 -9.24 15.24 -1.29
CA ALA A 327 -9.02 15.34 0.15
C ALA A 327 -10.36 15.63 0.80
N GLU A 328 -10.54 15.10 2.01
CA GLU A 328 -11.79 15.28 2.71
C GLU A 328 -11.58 14.85 4.15
N ASN A 329 -12.48 15.33 5.02
CA ASN A 329 -12.26 15.18 6.45
C ASN A 329 -12.74 13.84 6.99
N GLY A 330 -13.31 12.99 6.16
CA GLY A 330 -13.66 11.65 6.59
C GLY A 330 -15.13 11.37 6.63
N THR A 331 -15.99 12.32 6.28
CA THR A 331 -17.40 12.01 6.38
C THR A 331 -17.85 11.13 5.22
N VAL A 332 -17.06 11.04 4.15
CA VAL A 332 -17.38 10.08 3.12
C VAL A 332 -16.45 8.87 3.23
N LEU A 333 -15.14 9.12 3.18
CA LEU A 333 -14.13 8.06 3.06
C LEU A 333 -13.07 8.24 4.13
N GLN A 334 -12.86 7.21 4.96
CA GLN A 334 -11.99 7.31 6.15
C GLN A 334 -10.69 6.53 5.94
N GLY A 335 -9.56 7.22 6.07
CA GLY A 335 -8.27 6.58 6.14
C GLY A 335 -7.72 6.09 4.81
N SER A 336 -7.66 6.99 3.83
CA SER A 336 -7.17 6.65 2.50
C SER A 336 -5.74 6.13 2.58
N THR A 337 -5.49 4.97 1.95
CA THR A 337 -4.13 4.43 1.86
C THR A 337 -3.58 4.36 0.45
N VAL A 338 -4.42 4.38 -0.57
CA VAL A 338 -3.96 4.03 -1.90
C VAL A 338 -4.90 4.66 -2.91
N ALA A 339 -4.32 5.10 -4.03
CA ALA A 339 -5.12 5.63 -5.13
C ALA A 339 -4.40 5.29 -6.43
N ALA A 340 -5.16 4.92 -7.44
CA ALA A 340 -4.63 4.70 -8.78
C ALA A 340 -5.66 5.19 -9.79
N VAL A 341 -5.17 5.57 -10.97
CA VAL A 341 -6.00 6.16 -12.02
C VAL A 341 -6.07 5.21 -13.19
N TYR A 342 -7.26 5.09 -13.78
CA TYR A 342 -7.45 4.33 -15.00
C TYR A 342 -8.42 5.08 -15.92
N LYS A 343 -7.92 5.48 -17.09
CA LYS A 343 -8.74 6.10 -18.15
C LYS A 343 -9.74 7.13 -17.61
N GLY A 344 -9.19 8.11 -16.88
CA GLY A 344 -9.99 9.21 -16.39
C GLY A 344 -10.61 9.02 -15.02
N LYS A 345 -10.58 7.82 -14.46
CA LYS A 345 -11.18 7.57 -13.17
C LYS A 345 -10.11 7.35 -12.11
N LEU A 346 -10.53 7.50 -10.87
CA LEU A 346 -9.63 7.43 -9.74
C LEU A 346 -10.26 6.48 -8.73
N LEU A 347 -9.48 5.47 -8.31
CA LEU A 347 -9.93 4.48 -7.34
C LEU A 347 -9.12 4.67 -6.07
N ILE A 348 -9.82 4.82 -4.94
CA ILE A 348 -9.19 5.13 -3.66
C ILE A 348 -9.59 4.07 -2.64
N GLY A 349 -8.60 3.51 -1.95
CA GLY A 349 -8.85 2.52 -0.92
C GLY A 349 -8.38 2.99 0.45
N THR A 350 -8.79 2.23 1.48
CA THR A 350 -8.56 2.65 2.86
C THR A 350 -8.08 1.46 3.69
N VAL A 351 -7.52 1.76 4.87
CA VAL A 351 -7.06 0.70 5.79
C VAL A 351 -8.19 -0.26 6.13
N PHE A 352 -9.33 0.27 6.60
CA PHE A 352 -10.39 -0.56 7.15
C PHE A 352 -11.81 -0.09 6.81
N HIS A 353 -11.97 0.92 5.97
CA HIS A 353 -13.26 1.57 5.75
C HIS A 353 -13.75 1.18 4.34
N LYS A 354 -14.10 2.14 3.48
CA LYS A 354 -14.70 1.81 2.21
C LYS A 354 -13.68 2.02 1.08
N ALA A 355 -14.19 2.27 -0.12
CA ALA A 355 -13.41 2.65 -1.28
C ALA A 355 -14.27 3.57 -2.14
N LEU A 356 -13.60 4.48 -2.85
CA LEU A 356 -14.24 5.54 -3.61
C LEU A 356 -13.78 5.49 -5.06
N TYR A 357 -14.74 5.61 -5.99
CA TYR A 357 -14.50 5.61 -7.43
C TYR A 357 -14.99 6.95 -7.98
N CYS A 358 -14.06 7.78 -8.46
CA CYS A 358 -14.36 9.16 -8.84
CA CYS A 358 -14.31 9.18 -8.82
C CYS A 358 -13.93 9.45 -10.26
N ASP A 359 -14.61 10.42 -10.89
CA ASP A 359 -14.09 11.02 -12.12
C ASP A 359 -12.97 11.97 -11.75
N LEU A 360 -11.93 12.00 -12.57
CA LEU A 360 -10.83 12.93 -12.34
C LEU A 360 -11.23 14.36 -12.72
TB TB B . 0.58 0.57 3.38
TB TB C . 1.45 -2.35 -3.55
CA CA D . 0.56 0.57 3.40
CA CA E . 1.45 -2.35 -3.55
O1 OCH F . -0.30 0.12 5.49
N2 OCH F . -0.73 1.73 6.98
C3 OCH F . -1.19 2.13 8.21
C4 OCH F . -1.19 3.48 8.53
C5 OCH F . -1.66 3.85 9.77
C6 OCH F . -2.12 2.92 10.71
C7 OCH F . -2.13 1.59 10.38
C8 OCH F . -1.66 1.18 9.13
C9 OCH F . -1.65 -0.20 8.76
C10 OCH F . -1.18 -0.56 7.54
C1 OCH F . -0.69 0.42 6.58
O1 OCH G . 21.03 1.77 11.93
N2 OCH G . 20.37 -0.15 12.96
C3 OCH G . 20.33 -1.02 14.04
C4 OCH G . 19.59 -2.22 13.98
C5 OCH G . 19.58 -3.06 15.08
C6 OCH G . 20.31 -2.76 16.25
C7 OCH G . 21.04 -1.59 16.29
C8 OCH G . 21.06 -0.70 15.20
C9 OCH G . 21.81 0.53 15.21
C10 OCH G . 21.81 1.36 14.13
C1 OCH G . 21.06 1.05 12.92
BR BR H . -7.41 13.24 9.06
BR BR I . 10.63 -9.49 18.14
#